data_5VJ9
#
_entry.id   5VJ9
#
_cell.length_a   50.252
_cell.length_b   60.664
_cell.length_c   72.308
_cell.angle_alpha   90.000
_cell.angle_beta   90.000
_cell.angle_gamma   90.000
#
_symmetry.space_group_name_H-M   'P 21 21 21'
#
loop_
_entity.id
_entity.type
_entity.pdbx_description
1 polymer "RNA (5'-R(*GP*CP*GP*GP*GP*GP*AP*CP*GP*AP*CP*CP*CP*UP*GP*C)-3')"
2 non-polymer GUANIDINE
3 non-polymer SPERMINE
4 non-polymer 'MAGNESIUM ION'
5 non-polymer 'POTASSIUM ION'
6 water water
#
_entity_poly.entity_id   1
_entity_poly.type   'polyribonucleotide'
_entity_poly.pdbx_seq_one_letter_code
;GCGGGGACGACCCUGC
;
_entity_poly.pdbx_strand_id   A,B,C,D
#
loop_
_chem_comp.id
_chem_comp.type
_chem_comp.name
_chem_comp.formula
A RNA linking ADENOSINE-5'-MONOPHOSPHATE 'C10 H14 N5 O7 P'
C RNA linking CYTIDINE-5'-MONOPHOSPHATE 'C9 H14 N3 O8 P'
G RNA linking GUANOSINE-5'-MONOPHOSPHATE 'C10 H14 N5 O8 P'
GAI non-polymer GUANIDINE 'C H5 N3'
K non-polymer 'POTASSIUM ION' 'K 1'
MG non-polymer 'MAGNESIUM ION' 'Mg 2'
SPM non-polymer SPERMINE 'C10 H26 N4'
U RNA linking URIDINE-5'-MONOPHOSPHATE 'C9 H13 N2 O9 P'
#
# COMPACT_ATOMS: atom_id res chain seq x y z
C GAI E . 1.61 -8.47 9.39
N1 GAI E . 0.74 -8.52 8.38
N2 GAI E . 2.72 -9.21 9.37
N3 GAI E . 1.38 -7.71 10.37
N1 SPM F . 6.20 -13.84 12.25
C2 SPM F . 5.09 -14.75 12.17
C3 SPM F . 3.90 -14.15 11.42
C4 SPM F . 4.04 -14.24 9.88
N5 SPM F . 3.05 -13.34 9.23
C6 SPM F . 3.10 -13.44 7.78
C7 SPM F . 1.76 -13.95 7.23
C8 SPM F . 2.00 -14.93 6.08
C9 SPM F . 1.73 -14.08 4.84
N10 SPM F . 1.93 -14.55 3.46
C11 SPM F . 1.18 -13.54 2.63
C12 SPM F . 2.02 -13.12 1.44
C13 SPM F . 1.80 -11.65 1.16
N14 SPM F . 0.43 -11.39 0.73
C GAI G . 0.45 -0.37 14.22
N1 GAI G . 0.84 -1.21 13.37
N2 GAI G . -0.84 -0.07 14.32
N3 GAI G . 1.34 0.24 15.01
MG MG H . -0.26 4.92 17.29
N5 SPM I . 9.12 6.51 2.20
C6 SPM I . 9.19 7.54 3.23
C7 SPM I . 9.49 6.85 4.57
C8 SPM I . 8.54 7.40 5.64
C9 SPM I . 9.34 8.07 6.78
N10 SPM I . 8.35 8.52 7.77
C11 SPM I . 9.00 9.08 8.96
C12 SPM I . 8.30 8.72 10.26
C13 SPM I . 6.90 9.27 10.31
N14 SPM I . 6.57 9.88 11.63
C7 SPM J . 9.68 7.18 20.54
C8 SPM J . 8.48 6.57 19.80
C9 SPM J . 8.50 6.91 18.29
N10 SPM J . 8.10 5.77 17.45
C11 SPM J . 6.62 5.49 17.29
C12 SPM J . 6.01 5.63 15.86
C13 SPM J . 5.08 4.44 15.43
N14 SPM J . 3.92 4.85 14.64
C GAI K . -9.10 0.08 -8.60
N1 GAI K . -9.36 -0.49 -9.78
N2 GAI K . -8.30 1.05 -8.53
N3 GAI K . -9.71 -0.36 -7.50
N1 SPM L . -9.51 -9.86 -13.99
C2 SPM L . -10.91 -9.87 -14.47
C3 SPM L . -11.52 -8.50 -14.13
C4 SPM L . -12.07 -8.50 -12.70
N5 SPM L . -13.05 -7.41 -12.61
C6 SPM L . -13.52 -7.31 -11.23
C7 SPM L . -14.49 -6.12 -11.14
C8 SPM L . -15.15 -6.18 -9.77
C9 SPM L . -15.81 -4.86 -9.38
N10 SPM L . -14.82 -3.87 -8.92
C11 SPM L . -15.46 -2.76 -8.17
C12 SPM L . -14.29 -1.80 -7.92
C13 SPM L . -14.16 -1.57 -6.46
N14 SPM L . -13.49 -0.26 -6.29
C GAI M . -1.34 5.11 -9.80
N1 GAI M . -2.14 4.08 -9.49
N2 GAI M . -0.46 5.54 -8.91
N3 GAI M . -1.44 5.65 -10.93
N1 SPM N . 3.37 5.66 -9.09
C2 SPM N . 3.42 6.50 -10.28
C3 SPM N . 4.50 7.49 -10.19
C4 SPM N . 4.77 7.98 -11.60
N5 SPM N . 3.92 9.14 -11.94
C6 SPM N . 4.72 10.34 -12.22
C7 SPM N . 4.14 11.22 -13.31
C8 SPM N . 2.91 11.98 -12.85
C9 SPM N . 1.81 11.97 -13.91
N10 SPM N . 1.45 13.37 -14.20
C11 SPM N . 0.01 13.65 -14.26
C12 SPM N . -0.25 14.75 -15.27
C13 SPM N . -0.29 14.18 -16.69
N14 SPM N . -1.67 13.81 -17.00
K K O . 9.90 -1.14 -9.12
#